data_2OQR
#
_entry.id   2OQR
#
_cell.length_a   124.351
_cell.length_b   124.351
_cell.length_c   44.824
_cell.angle_alpha   90.00
_cell.angle_beta   90.00
_cell.angle_gamma   90.00
#
_symmetry.space_group_name_H-M   'P 4 21 2'
#
loop_
_entity.id
_entity.type
_entity.pdbx_description
1 polymer 'Sensory transduction protein regX3'
2 non-polymer 'ACETATE ION'
3 non-polymer 'LANTHANUM (III) ION'
4 non-polymer BETA-MERCAPTOETHANOL
5 water water
#
_entity_poly.entity_id   1
_entity_poly.type   'polypeptide(L)'
_entity_poly.pdbx_seq_one_letter_code
;GAMATSVLIVEDEESLADPLAFLLRKEGFEATVVTDGPAALAEFDRAGADIVLLDLMLPGMSGTDVCKQLRARSSVPVIM
VTARDSEIDKVVGLELGADDYVTKPYSARELIARIRAVLRRGGDDDSEMSDGVLESGPVRMDVERHVVSVNGDTITLPLK
EFDLLEYLMRNSGRVLTRGQLIDRVWGADYVGDTKTLDVHVKRLRSKIEADPANPVHLVTVRGLGYKLEG
;
_entity_poly.pdbx_strand_id   A
#
loop_
_chem_comp.id
_chem_comp.type
_chem_comp.name
_chem_comp.formula
ACT non-polymer 'ACETATE ION' 'C2 H3 O2 -1'
BME non-polymer BETA-MERCAPTOETHANOL 'C2 H6 O S'
LA non-polymer 'LANTHANUM (III) ION' 'La 3'
#
# COMPACT_ATOMS: atom_id res chain seq x y z
N ALA A 4 31.30 -23.96 -3.47
CA ALA A 4 29.89 -23.79 -3.93
C ALA A 4 29.64 -22.32 -4.22
N THR A 5 28.58 -22.03 -4.96
CA THR A 5 28.15 -20.66 -5.29
C THR A 5 27.89 -19.87 -3.99
N SER A 6 28.44 -18.65 -3.94
CA SER A 6 28.28 -17.77 -2.80
C SER A 6 27.25 -16.66 -3.06
N VAL A 7 26.30 -16.49 -2.14
CA VAL A 7 25.26 -15.46 -2.26
C VAL A 7 25.45 -14.50 -1.10
N LEU A 8 25.66 -13.21 -1.42
CA LEU A 8 25.69 -12.17 -0.40
C LEU A 8 24.32 -11.50 -0.36
N ILE A 9 23.67 -11.59 0.80
CA ILE A 9 22.36 -11.00 1.02
C ILE A 9 22.56 -9.72 1.80
N VAL A 10 22.29 -8.59 1.16
CA VAL A 10 22.35 -7.28 1.78
C VAL A 10 20.91 -6.82 2.08
N GLU A 11 20.49 -6.92 3.32
CA GLU A 11 19.09 -6.76 3.65
C GLU A 11 18.93 -6.30 5.09
N ASP A 12 18.24 -5.18 5.29
CA ASP A 12 17.96 -4.66 6.62
C ASP A 12 16.77 -5.29 7.35
N GLU A 13 15.99 -6.14 6.68
CA GLU A 13 14.94 -6.90 7.37
C GLU A 13 15.38 -8.31 7.65
N GLU A 14 15.83 -8.57 8.88
CA GLU A 14 16.35 -9.88 9.22
C GLU A 14 15.33 -10.97 8.88
N SER A 15 14.05 -10.66 9.00
CA SER A 15 13.02 -11.67 8.85
C SER A 15 12.72 -12.02 7.36
N LEU A 16 13.21 -11.20 6.43
CA LEU A 16 13.25 -11.57 5.02
C LEU A 16 14.54 -12.31 4.70
N ALA A 17 15.66 -11.89 5.30
CA ALA A 17 16.98 -12.40 4.94
C ALA A 17 17.19 -13.78 5.49
N ASP A 18 16.89 -13.96 6.78
CA ASP A 18 17.25 -15.20 7.44
C ASP A 18 16.60 -16.43 6.75
N PRO A 19 15.30 -16.41 6.43
CA PRO A 19 14.69 -17.57 5.73
C PRO A 19 15.24 -17.87 4.36
N LEU A 20 15.64 -16.84 3.63
CA LEU A 20 16.26 -17.04 2.34
C LEU A 20 17.63 -17.68 2.54
N ALA A 21 18.39 -17.16 3.49
CA ALA A 21 19.70 -17.68 3.81
C ALA A 21 19.59 -19.16 4.22
N PHE A 22 18.62 -19.47 5.07
CA PHE A 22 18.35 -20.86 5.44
C PHE A 22 18.14 -21.77 4.22
N LEU A 23 17.27 -21.36 3.31
CA LEU A 23 16.92 -22.18 2.13
C LEU A 23 18.10 -22.36 1.21
N LEU A 24 18.78 -21.26 0.91
CA LEU A 24 20.01 -21.34 0.14
C LEU A 24 20.99 -22.37 0.68
N ARG A 25 21.19 -22.33 1.99
CA ARG A 25 22.16 -23.22 2.61
C ARG A 25 21.71 -24.65 2.49
N LYS A 26 20.43 -24.90 2.71
CA LYS A 26 19.93 -26.29 2.61
C LYS A 26 19.97 -26.82 1.16
N GLU A 27 20.11 -25.91 0.19
CA GLU A 27 20.18 -26.25 -1.24
C GLU A 27 21.63 -26.24 -1.77
N GLY A 28 22.60 -26.08 -0.86
CA GLY A 28 24.02 -26.26 -1.21
C GLY A 28 24.79 -25.00 -1.60
N PHE A 29 24.15 -23.85 -1.41
CA PHE A 29 24.79 -22.55 -1.63
C PHE A 29 25.41 -22.03 -0.34
N GLU A 30 26.42 -21.15 -0.43
CA GLU A 30 26.87 -20.41 0.75
C GLU A 30 26.02 -19.16 0.74
N ALA A 31 25.62 -18.72 1.93
CA ALA A 31 24.87 -17.46 2.05
C ALA A 31 25.47 -16.65 3.20
N THR A 32 25.71 -15.35 3.01
CA THR A 32 26.18 -14.45 4.10
C THR A 32 25.18 -13.31 4.07
N VAL A 33 24.64 -12.95 5.22
CA VAL A 33 23.69 -11.87 5.34
C VAL A 33 24.41 -10.66 5.96
N VAL A 34 24.32 -9.48 5.36
CA VAL A 34 24.84 -8.27 6.00
C VAL A 34 23.70 -7.26 5.98
N THR A 35 23.76 -6.25 6.84
CA THR A 35 22.62 -5.37 7.05
C THR A 35 22.81 -3.91 6.61
N ASP A 36 23.95 -3.57 6.05
CA ASP A 36 24.11 -2.22 5.49
C ASP A 36 25.22 -2.15 4.43
N GLY A 37 25.34 -0.99 3.79
CA GLY A 37 26.27 -0.81 2.66
C GLY A 37 27.74 -0.99 3.01
N PRO A 38 28.21 -0.26 4.02
CA PRO A 38 29.56 -0.52 4.51
C PRO A 38 29.87 -2.00 4.81
N ALA A 39 28.97 -2.71 5.47
CA ALA A 39 29.19 -4.10 5.78
C ALA A 39 29.18 -4.95 4.49
N ALA A 40 28.40 -4.53 3.49
CA ALA A 40 28.32 -5.23 2.22
C ALA A 40 29.64 -5.13 1.51
N LEU A 41 30.19 -3.91 1.44
CA LEU A 41 31.42 -3.67 0.68
C LEU A 41 32.61 -4.32 1.37
N ALA A 42 32.61 -4.35 2.69
CA ALA A 42 33.70 -4.99 3.42
C ALA A 42 33.70 -6.49 3.18
N GLU A 43 32.51 -7.08 3.15
CA GLU A 43 32.39 -8.54 3.03
C GLU A 43 32.68 -8.96 1.60
N PHE A 44 32.13 -8.25 0.63
CA PHE A 44 32.51 -8.49 -0.76
C PHE A 44 34.04 -8.45 -0.94
N ASP A 45 34.70 -7.41 -0.44
CA ASP A 45 36.17 -7.32 -0.52
C ASP A 45 36.91 -8.44 0.22
N ARG A 46 36.34 -8.87 1.34
CA ARG A 46 36.94 -9.95 2.12
C ARG A 46 36.86 -11.27 1.38
N ALA A 47 35.65 -11.63 0.94
CA ALA A 47 35.34 -12.99 0.47
C ALA A 47 34.80 -13.06 -0.95
N GLY A 48 34.38 -11.94 -1.52
CA GLY A 48 33.72 -11.94 -2.83
C GLY A 48 32.31 -12.52 -2.75
N ALA A 49 31.62 -12.53 -3.87
CA ALA A 49 30.30 -13.18 -3.96
C ALA A 49 30.00 -13.42 -5.40
N ASP A 50 29.34 -14.51 -5.66
CA ASP A 50 28.88 -14.81 -7.02
C ASP A 50 27.55 -14.15 -7.34
N ILE A 51 26.69 -14.06 -6.33
CA ILE A 51 25.36 -13.48 -6.45
C ILE A 51 25.23 -12.49 -5.34
N VAL A 52 24.72 -11.31 -5.64
CA VAL A 52 24.39 -10.33 -4.59
C VAL A 52 22.92 -9.97 -4.66
N LEU A 53 22.21 -10.13 -3.55
CA LEU A 53 20.80 -9.76 -3.42
C LEU A 53 20.76 -8.52 -2.54
N LEU A 54 20.39 -7.38 -3.11
CA LEU A 54 20.64 -6.06 -2.54
C LEU A 54 19.38 -5.25 -2.31
N ASP A 55 19.03 -5.07 -1.04
CA ASP A 55 17.97 -4.18 -0.56
C ASP A 55 18.25 -2.77 -1.08
N LEU A 56 17.29 -2.26 -1.85
CA LEU A 56 17.48 -0.95 -2.51
C LEU A 56 17.44 0.20 -1.51
N MET A 57 16.73 0.01 -0.40
CA MET A 57 16.65 1.02 0.66
C MET A 57 17.27 0.49 1.95
N LEU A 58 18.35 1.17 2.35
CA LEU A 58 19.16 0.85 3.51
C LEU A 58 19.36 2.11 4.37
N PRO A 59 19.68 1.94 5.67
CA PRO A 59 20.05 3.07 6.49
C PRO A 59 21.49 3.50 6.21
N GLY A 60 21.69 4.80 6.01
CA GLY A 60 23.00 5.35 5.70
C GLY A 60 23.26 5.30 4.19
N MET A 61 24.32 4.62 3.81
CA MET A 61 24.71 4.46 2.42
C MET A 61 23.56 3.82 1.68
N SER A 62 23.11 4.48 0.62
CA SER A 62 21.97 4.03 -0.14
C SER A 62 22.30 2.74 -0.89
N GLY A 63 21.29 1.91 -1.11
CA GLY A 63 21.43 0.71 -1.93
C GLY A 63 21.86 1.04 -3.34
N THR A 64 21.43 2.20 -3.84
CA THR A 64 21.85 2.68 -5.15
C THR A 64 23.38 2.86 -5.21
N ASP A 65 23.95 3.46 -4.17
CA ASP A 65 25.40 3.68 -4.12
C ASP A 65 26.17 2.38 -3.87
N VAL A 66 25.67 1.50 -3.01
CA VAL A 66 26.25 0.16 -2.82
C VAL A 66 26.34 -0.62 -4.14
N CYS A 67 25.26 -0.60 -4.90
CA CYS A 67 25.21 -1.31 -6.16
C CYS A 67 26.29 -0.81 -7.12
N LYS A 68 26.41 0.51 -7.25
CA LYS A 68 27.40 1.09 -8.15
C LYS A 68 28.81 0.77 -7.69
N GLN A 69 29.02 0.77 -6.39
CA GLN A 69 30.34 0.43 -5.83
C GLN A 69 30.73 -1.06 -5.96
N LEU A 70 29.76 -1.96 -5.80
CA LEU A 70 29.99 -3.38 -6.05
C LEU A 70 30.28 -3.62 -7.53
N ARG A 71 29.46 -3.06 -8.40
CA ARG A 71 29.70 -3.23 -9.82
C ARG A 71 31.06 -2.65 -10.25
N ALA A 72 31.47 -1.52 -9.69
CA ALA A 72 32.80 -0.96 -9.95
C ALA A 72 33.93 -1.94 -9.63
N ARG A 73 33.73 -2.77 -8.61
CA ARG A 73 34.73 -3.75 -8.18
C ARG A 73 34.88 -4.93 -9.12
N SER A 74 33.76 -5.46 -9.59
CA SER A 74 33.81 -6.59 -10.51
C SER A 74 32.60 -6.65 -11.38
N SER A 75 32.81 -7.00 -12.64
CA SER A 75 31.71 -7.29 -13.55
C SER A 75 31.15 -8.72 -13.40
N VAL A 76 31.74 -9.55 -12.54
CA VAL A 76 31.32 -10.96 -12.42
C VAL A 76 30.00 -11.20 -11.67
N PRO A 77 29.83 -10.66 -10.45
CA PRO A 77 28.65 -10.95 -9.65
C PRO A 77 27.33 -10.59 -10.33
N VAL A 78 26.33 -11.45 -10.18
CA VAL A 78 24.95 -11.14 -10.51
C VAL A 78 24.46 -10.28 -9.35
N ILE A 79 23.95 -9.09 -9.64
CA ILE A 79 23.45 -8.21 -8.60
C ILE A 79 21.97 -7.99 -8.88
N MET A 80 21.13 -8.44 -7.95
CA MET A 80 19.68 -8.25 -8.03
C MET A 80 19.26 -7.31 -6.90
N VAL A 81 18.67 -6.18 -7.29
CA VAL A 81 18.16 -5.17 -6.35
C VAL A 81 16.67 -5.45 -6.02
N THR A 82 16.31 -5.31 -4.74
CA THR A 82 15.01 -5.70 -4.26
C THR A 82 14.37 -4.52 -3.54
N ALA A 83 13.08 -4.32 -3.72
CA ALA A 83 12.43 -3.20 -3.05
C ALA A 83 10.96 -3.49 -2.84
N ARG A 84 10.46 -3.18 -1.66
CA ARG A 84 9.00 -3.07 -1.45
C ARG A 84 8.43 -1.93 -2.28
N ASP A 85 7.13 -1.97 -2.54
CA ASP A 85 6.44 -0.85 -3.19
C ASP A 85 6.84 0.44 -2.51
N SER A 86 6.83 0.43 -1.17
CA SER A 86 7.11 1.64 -0.40
C SER A 86 8.56 2.10 -0.49
N GLU A 87 9.48 1.16 -0.70
CA GLU A 87 10.90 1.53 -0.82
C GLU A 87 11.21 2.13 -2.19
N ILE A 88 10.66 1.55 -3.24
CA ILE A 88 10.90 2.17 -4.55
C ILE A 88 10.20 3.55 -4.62
N ASP A 89 9.08 3.70 -3.93
CA ASP A 89 8.40 5.01 -3.86
C ASP A 89 9.36 6.02 -3.16
N LYS A 90 9.99 5.61 -2.07
CA LYS A 90 10.95 6.46 -1.38
C LYS A 90 12.18 6.75 -2.23
N VAL A 91 12.69 5.74 -2.93
CA VAL A 91 13.88 5.93 -3.70
C VAL A 91 13.66 6.94 -4.84
N VAL A 92 12.55 6.84 -5.55
CA VAL A 92 12.33 7.76 -6.68
C VAL A 92 12.10 9.18 -6.18
N GLY A 93 11.65 9.30 -4.93
CA GLY A 93 11.53 10.60 -4.30
C GLY A 93 12.90 11.21 -4.06
N LEU A 94 13.74 10.44 -3.38
CA LEU A 94 15.09 10.91 -3.02
C LEU A 94 15.96 11.08 -4.26
N GLU A 95 15.86 10.15 -5.21
CA GLU A 95 16.76 10.16 -6.38
C GLU A 95 16.26 11.02 -7.51
N LEU A 96 14.95 10.98 -7.76
CA LEU A 96 14.36 11.74 -8.91
C LEU A 96 13.50 12.92 -8.55
N GLY A 97 13.00 12.99 -7.32
CA GLY A 97 11.99 14.01 -6.97
C GLY A 97 10.56 13.66 -7.40
N ALA A 98 10.34 12.39 -7.71
CA ALA A 98 9.04 11.84 -8.08
C ALA A 98 8.17 11.59 -6.85
N ASP A 99 6.86 11.68 -7.01
CA ASP A 99 5.96 11.48 -5.88
C ASP A 99 5.59 10.02 -5.70
N ASP A 100 5.74 9.22 -6.74
CA ASP A 100 5.29 7.85 -6.68
C ASP A 100 5.90 7.12 -7.84
N TYR A 101 6.07 5.82 -7.62
CA TYR A 101 6.43 4.89 -8.63
C TYR A 101 5.25 3.94 -8.82
N VAL A 102 4.91 3.65 -10.08
CA VAL A 102 3.88 2.69 -10.37
C VAL A 102 4.29 1.70 -11.47
N THR A 103 4.04 0.41 -11.22
CA THR A 103 4.32 -0.65 -12.17
C THR A 103 3.23 -0.63 -13.20
N LYS A 104 3.65 -0.77 -14.45
CA LYS A 104 2.84 -0.58 -15.64
C LYS A 104 2.64 -2.02 -16.15
N PRO A 105 1.68 -2.24 -17.05
CA PRO A 105 0.25 -1.85 -17.03
C PRO A 105 -0.48 -1.73 -15.70
N TYR A 106 -1.16 -0.60 -15.56
CA TYR A 106 -1.89 -0.27 -14.36
C TYR A 106 -3.23 0.19 -14.85
N SER A 107 -4.24 -0.07 -14.02
CA SER A 107 -5.59 0.39 -14.28
C SER A 107 -5.62 1.91 -14.39
N ALA A 108 -6.07 2.41 -15.55
CA ALA A 108 -6.27 3.84 -15.76
C ALA A 108 -7.20 4.42 -14.74
N ARG A 109 -8.31 3.73 -14.46
CA ARG A 109 -9.31 4.23 -13.53
CA ARG A 109 -9.30 4.29 -13.54
C ARG A 109 -8.75 4.34 -12.13
N GLU A 110 -7.97 3.37 -11.75
CA GLU A 110 -7.40 3.36 -10.44
C GLU A 110 -6.43 4.53 -10.34
N LEU A 111 -5.70 4.81 -11.40
CA LEU A 111 -4.77 5.94 -11.38
C LEU A 111 -5.56 7.25 -11.28
N ILE A 112 -6.68 7.33 -11.98
CA ILE A 112 -7.56 8.51 -11.79
C ILE A 112 -8.05 8.66 -10.36
N ALA A 113 -8.44 7.55 -9.73
CA ALA A 113 -8.88 7.60 -8.30
C ALA A 113 -7.77 8.12 -7.40
N ARG A 114 -6.53 7.77 -7.71
CA ARG A 114 -5.40 8.28 -6.93
C ARG A 114 -5.10 9.77 -7.19
N ILE A 115 -5.26 10.18 -8.44
CA ILE A 115 -5.17 11.60 -8.75
C ILE A 115 -6.21 12.40 -7.98
N ARG A 116 -7.48 11.97 -7.99
CA ARG A 116 -8.53 12.70 -7.25
C ARG A 116 -8.21 12.79 -5.77
N ALA A 117 -7.65 11.72 -5.23
CA ALA A 117 -7.28 11.64 -3.83
C ALA A 117 -6.18 12.65 -3.47
N VAL A 118 -5.15 12.71 -4.29
CA VAL A 118 -4.07 13.69 -4.10
C VAL A 118 -4.64 15.10 -4.06
N LEU A 119 -5.53 15.40 -5.00
CA LEU A 119 -6.11 16.71 -5.11
C LEU A 119 -6.98 17.09 -3.92
N ARG A 120 -7.50 16.11 -3.17
CA ARG A 120 -8.24 16.38 -1.93
C ARG A 120 -7.43 16.07 -0.68
N ARG A 121 -6.12 15.93 -0.83
CA ARG A 121 -5.22 15.60 0.27
C ARG A 121 -5.76 14.38 1.02
N GLY A 122 -5.99 13.32 0.26
CA GLY A 122 -6.51 12.08 0.81
C GLY A 122 -5.66 11.52 1.95
N GLY A 123 -6.32 10.90 2.93
CA GLY A 123 -5.65 10.20 4.03
C GLY A 123 -5.30 11.04 5.25
N ASP A 124 -5.88 12.24 5.35
CA ASP A 124 -5.59 13.18 6.44
C ASP A 124 -6.93 13.55 7.10
N ASP A 125 -6.98 13.60 8.42
CA ASP A 125 -8.20 13.97 9.16
C ASP A 125 -8.66 15.38 8.81
N ASP A 126 -7.71 16.23 8.48
CA ASP A 126 -7.91 17.65 8.31
C ASP A 126 -8.30 18.02 6.89
N SER A 127 -8.44 17.02 6.04
CA SER A 127 -8.83 17.24 4.67
C SER A 127 -10.34 17.46 4.55
N GLU A 128 -10.74 18.06 3.43
CA GLU A 128 -12.15 18.31 3.15
C GLU A 128 -12.87 18.98 4.32
N MET A 129 -12.23 20.02 4.83
CA MET A 129 -12.80 20.87 5.89
C MET A 129 -13.23 20.10 7.12
N SER A 130 -12.56 18.98 7.39
CA SER A 130 -12.81 18.19 8.59
C SER A 130 -11.62 18.29 9.56
N ASP A 131 -11.74 17.59 10.69
CA ASP A 131 -10.69 17.53 11.73
C ASP A 131 -11.03 16.32 12.57
N GLY A 132 -10.02 15.59 13.04
CA GLY A 132 -10.25 14.52 14.00
C GLY A 132 -10.91 13.29 13.42
N VAL A 133 -11.31 12.35 14.27
CA VAL A 133 -11.87 11.09 13.77
C VAL A 133 -13.32 11.28 13.32
N LEU A 134 -13.70 10.55 12.28
CA LEU A 134 -15.07 10.59 11.78
C LEU A 134 -15.93 9.66 12.61
N GLU A 135 -17.16 10.08 12.89
CA GLU A 135 -18.06 9.29 13.70
C GLU A 135 -19.48 9.37 13.16
N SER A 136 -20.16 8.23 13.14
CA SER A 136 -21.55 8.18 12.72
C SER A 136 -22.19 6.89 13.27
N GLY A 137 -23.13 7.04 14.19
CA GLY A 137 -23.68 5.91 14.92
C GLY A 137 -22.55 5.24 15.70
N PRO A 138 -22.44 3.90 15.60
CA PRO A 138 -21.41 3.15 16.32
C PRO A 138 -20.07 3.09 15.58
N VAL A 139 -20.02 3.61 14.36
CA VAL A 139 -18.83 3.54 13.52
C VAL A 139 -17.92 4.73 13.78
N ARG A 140 -16.64 4.46 14.01
CA ARG A 140 -15.62 5.52 14.15
C ARG A 140 -14.52 5.22 13.16
N MET A 141 -14.05 6.24 12.45
CA MET A 141 -12.96 6.09 11.51
C MET A 141 -11.82 7.06 11.80
N ASP A 142 -10.64 6.50 12.00
CA ASP A 142 -9.44 7.30 12.09
C ASP A 142 -8.82 7.27 10.70
N VAL A 143 -9.06 8.33 9.92
CA VAL A 143 -8.53 8.42 8.55
C VAL A 143 -6.98 8.40 8.49
N GLU A 144 -6.29 9.20 9.33
CA GLU A 144 -4.80 9.26 9.26
C GLU A 144 -4.16 7.90 9.61
N ARG A 145 -4.72 7.16 10.57
CA ARG A 145 -4.19 5.84 10.97
C ARG A 145 -4.77 4.66 10.15
N HIS A 146 -5.90 4.90 9.48
CA HIS A 146 -6.56 3.91 8.59
C HIS A 146 -7.12 2.75 9.41
N VAL A 147 -7.91 3.13 10.41
CA VAL A 147 -8.56 2.17 11.28
C VAL A 147 -10.03 2.55 11.46
N VAL A 148 -10.88 1.54 11.52
CA VAL A 148 -12.31 1.73 11.77
C VAL A 148 -12.76 0.82 12.88
N SER A 149 -13.62 1.35 13.74
CA SER A 149 -14.25 0.56 14.80
C SER A 149 -15.76 0.64 14.67
N VAL A 150 -16.41 -0.45 15.09
CA VAL A 150 -17.84 -0.52 15.27
C VAL A 150 -17.97 -1.00 16.70
N ASN A 151 -17.78 -0.09 17.65
CA ASN A 151 -17.50 -0.44 19.04
C ASN A 151 -16.08 -1.08 19.13
N GLY A 152 -15.93 -2.33 18.68
CA GLY A 152 -14.60 -2.94 18.49
C GLY A 152 -14.00 -2.67 17.12
N ASP A 153 -12.71 -2.96 16.95
CA ASP A 153 -11.99 -2.67 15.70
C ASP A 153 -12.44 -3.57 14.56
N THR A 154 -13.02 -2.96 13.52
CA THR A 154 -13.66 -3.73 12.44
C THR A 154 -12.66 -4.17 11.39
N ILE A 155 -12.81 -5.45 11.06
CA ILE A 155 -11.75 -6.32 10.55
C ILE A 155 -11.07 -5.67 9.35
N THR A 156 -10.46 -6.46 8.47
CA THR A 156 -10.11 -5.91 7.18
C THR A 156 -11.38 -5.17 6.70
N LEU A 157 -11.21 -3.89 6.42
CA LEU A 157 -11.97 -3.28 5.37
C LEU A 157 -10.98 -3.31 4.23
N PRO A 158 -11.28 -4.09 3.17
CA PRO A 158 -10.50 -3.89 1.95
C PRO A 158 -10.53 -2.42 1.54
N LEU A 159 -9.55 -1.99 0.76
CA LEU A 159 -9.36 -0.57 0.47
C LEU A 159 -10.62 0.09 -0.10
N LYS A 160 -11.26 -0.56 -1.08
CA LYS A 160 -12.47 -0.02 -1.70
C LYS A 160 -13.60 0.18 -0.68
N GLU A 161 -13.74 -0.75 0.26
CA GLU A 161 -14.73 -0.62 1.31
C GLU A 161 -14.39 0.51 2.26
N PHE A 162 -13.11 0.66 2.57
CA PHE A 162 -12.69 1.77 3.41
C PHE A 162 -12.99 3.12 2.75
N ASP A 163 -12.63 3.27 1.48
CA ASP A 163 -12.84 4.51 0.72
C ASP A 163 -14.32 4.86 0.60
N LEU A 164 -15.13 3.84 0.37
CA LEU A 164 -16.56 3.99 0.26
C LEU A 164 -17.11 4.52 1.58
N LEU A 165 -16.70 3.90 2.68
CA LEU A 165 -17.19 4.28 3.99
C LEU A 165 -16.73 5.67 4.38
N GLU A 166 -15.46 5.97 4.10
CA GLU A 166 -14.95 7.30 4.40
C GLU A 166 -15.78 8.40 3.75
N TYR A 167 -16.11 8.18 2.48
CA TYR A 167 -16.78 9.18 1.69
C TYR A 167 -18.20 9.31 2.23
N LEU A 168 -18.84 8.20 2.57
CA LEU A 168 -20.17 8.26 3.20
C LEU A 168 -20.15 8.92 4.59
N MET A 169 -19.13 8.62 5.39
CA MET A 169 -19.03 9.23 6.73
C MET A 169 -18.73 10.72 6.68
N ARG A 170 -17.91 11.16 5.75
CA ARG A 170 -17.62 12.58 5.57
C ARG A 170 -18.84 13.37 5.15
N ASN A 171 -19.85 12.68 4.63
CA ASN A 171 -21.07 13.33 4.17
C ASN A 171 -22.24 12.69 4.88
N SER A 172 -22.07 12.46 6.17
CA SER A 172 -23.09 11.82 7.01
C SER A 172 -24.41 12.55 6.89
N GLY A 173 -25.48 11.79 6.72
CA GLY A 173 -26.83 12.35 6.64
C GLY A 173 -27.18 12.92 5.27
N ARG A 174 -26.26 12.79 4.31
CA ARG A 174 -26.50 13.32 2.97
C ARG A 174 -26.32 12.22 1.91
N VAL A 175 -27.21 12.20 0.94
CA VAL A 175 -27.16 11.18 -0.11
C VAL A 175 -25.99 11.48 -1.05
N LEU A 176 -25.26 10.42 -1.39
CA LEU A 176 -24.26 10.45 -2.45
C LEU A 176 -24.76 9.59 -3.59
N THR A 177 -24.59 10.08 -4.81
CA THR A 177 -25.10 9.39 -5.95
C THR A 177 -24.14 8.29 -6.36
N ARG A 178 -24.63 7.38 -7.19
CA ARG A 178 -23.83 6.32 -7.73
C ARG A 178 -22.63 6.90 -8.49
N GLY A 179 -22.86 7.92 -9.31
CA GLY A 179 -21.79 8.58 -10.04
C GLY A 179 -20.72 9.20 -9.17
N GLN A 180 -21.12 9.86 -8.09
CA GLN A 180 -20.16 10.43 -7.15
C GLN A 180 -19.37 9.33 -6.53
N LEU A 181 -20.07 8.29 -6.11
CA LEU A 181 -19.44 7.21 -5.36
C LEU A 181 -18.50 6.43 -6.26
N ILE A 182 -18.91 6.20 -7.49
CA ILE A 182 -18.06 5.48 -8.41
C ILE A 182 -16.78 6.26 -8.78
N ASP A 183 -16.93 7.54 -9.12
CA ASP A 183 -15.78 8.40 -9.44
C ASP A 183 -14.76 8.43 -8.30
N ARG A 184 -15.23 8.59 -7.08
CA ARG A 184 -14.33 8.63 -5.93
C ARG A 184 -13.63 7.32 -5.58
N VAL A 185 -14.37 6.23 -5.55
CA VAL A 185 -13.79 4.98 -5.04
C VAL A 185 -13.08 4.22 -6.16
N TRP A 186 -13.67 4.21 -7.35
CA TRP A 186 -13.10 3.46 -8.48
C TRP A 186 -12.45 4.35 -9.55
N GLY A 187 -12.67 5.65 -9.48
CA GLY A 187 -11.93 6.60 -10.28
C GLY A 187 -12.68 7.20 -11.45
N ALA A 188 -13.45 6.38 -12.15
CA ALA A 188 -14.15 6.78 -13.35
C ALA A 188 -15.23 5.73 -13.57
N ASP A 189 -16.26 6.09 -14.34
CA ASP A 189 -17.36 5.19 -14.62
C ASP A 189 -16.88 4.05 -15.51
N TYR A 190 -17.49 2.87 -15.35
CA TYR A 190 -17.09 1.71 -16.14
C TYR A 190 -18.21 0.71 -16.24
N VAL A 191 -18.12 -0.18 -17.22
CA VAL A 191 -19.13 -1.21 -17.44
C VAL A 191 -19.28 -2.08 -16.17
N GLY A 192 -20.50 -2.16 -15.64
CA GLY A 192 -20.76 -2.96 -14.45
C GLY A 192 -20.51 -2.23 -13.14
N ASP A 193 -20.28 -0.93 -13.18
CA ASP A 193 -19.97 -0.17 -11.97
C ASP A 193 -21.08 -0.09 -10.94
N THR A 194 -22.32 0.06 -11.37
CA THR A 194 -23.48 0.13 -10.45
C THR A 194 -23.64 -1.13 -9.60
N LYS A 195 -23.46 -2.28 -10.23
CA LYS A 195 -23.53 -3.55 -9.51
C LYS A 195 -22.40 -3.69 -8.50
N THR A 196 -21.18 -3.35 -8.92
CA THR A 196 -20.01 -3.45 -8.04
C THR A 196 -20.17 -2.54 -6.83
N LEU A 197 -20.65 -1.33 -7.06
CA LEU A 197 -20.96 -0.41 -5.98
C LEU A 197 -21.90 -1.04 -4.97
N ASP A 198 -22.96 -1.68 -5.46
CA ASP A 198 -23.97 -2.31 -4.57
C ASP A 198 -23.41 -3.51 -3.79
N VAL A 199 -22.63 -4.33 -4.46
CA VAL A 199 -21.90 -5.41 -3.78
C VAL A 199 -21.03 -4.83 -2.64
N HIS A 200 -20.34 -3.74 -2.90
CA HIS A 200 -19.52 -3.12 -1.89
C HIS A 200 -20.33 -2.51 -0.76
N VAL A 201 -21.48 -1.94 -1.09
CA VAL A 201 -22.34 -1.39 -0.06
C VAL A 201 -22.88 -2.52 0.84
N LYS A 202 -23.26 -3.64 0.23
CA LYS A 202 -23.74 -4.81 0.97
C LYS A 202 -22.64 -5.40 1.85
N ARG A 203 -21.39 -5.43 1.36
CA ARG A 203 -20.29 -5.92 2.19
C ARG A 203 -20.11 -5.03 3.40
N LEU A 204 -20.15 -3.71 3.23
CA LEU A 204 -20.08 -2.78 4.37
C LEU A 204 -21.24 -3.02 5.34
N ARG A 205 -22.41 -3.29 4.81
CA ARG A 205 -23.58 -3.49 5.65
C ARG A 205 -23.39 -4.66 6.58
N SER A 206 -22.82 -5.76 6.08
CA SER A 206 -22.56 -6.94 6.89
C SER A 206 -21.53 -6.71 8.02
N LYS A 207 -20.77 -5.62 7.93
CA LYS A 207 -19.79 -5.27 8.95
C LYS A 207 -20.25 -4.16 9.91
N ILE A 208 -21.24 -3.37 9.50
CA ILE A 208 -21.62 -2.14 10.19
C ILE A 208 -23.02 -2.16 10.84
N GLU A 209 -23.85 -3.11 10.41
CA GLU A 209 -25.28 -3.06 10.63
C GLU A 209 -25.75 -4.15 11.59
N ALA A 210 -26.73 -3.83 12.43
CA ALA A 210 -27.28 -4.80 13.39
C ALA A 210 -27.92 -5.97 12.64
N ASP A 211 -28.80 -5.63 11.70
CA ASP A 211 -29.37 -6.59 10.78
C ASP A 211 -29.05 -6.11 9.36
N PRO A 212 -28.08 -6.76 8.70
CA PRO A 212 -27.81 -6.58 7.27
C PRO A 212 -28.84 -7.32 6.42
N ALA A 213 -30.06 -6.79 6.40
CA ALA A 213 -31.18 -7.41 5.69
C ALA A 213 -32.26 -6.34 5.60
N ASN A 214 -32.58 -5.76 6.76
CA ASN A 214 -33.20 -4.44 6.81
C ASN A 214 -32.18 -3.46 7.44
N PRO A 215 -31.37 -2.78 6.59
CA PRO A 215 -30.40 -1.80 7.07
C PRO A 215 -31.04 -0.48 7.47
N VAL A 216 -30.48 0.13 8.52
CA VAL A 216 -31.01 1.35 9.12
C VAL A 216 -29.95 2.47 9.26
N HIS A 217 -28.71 2.18 8.90
CA HIS A 217 -27.63 3.14 9.00
C HIS A 217 -27.16 3.48 7.59
N LEU A 218 -26.65 2.47 6.87
CA LEU A 218 -26.26 2.63 5.48
C LEU A 218 -27.49 2.27 4.66
N VAL A 219 -28.25 3.29 4.28
CA VAL A 219 -29.49 3.09 3.53
C VAL A 219 -29.37 3.45 2.03
N THR A 220 -30.17 2.77 1.23
CA THR A 220 -30.32 3.07 -0.16
C THR A 220 -31.37 4.18 -0.28
N VAL A 221 -31.08 5.20 -1.09
CA VAL A 221 -32.08 6.22 -1.43
C VAL A 221 -32.51 6.03 -2.89
N ARG A 222 -33.66 5.41 -3.09
CA ARG A 222 -34.07 4.94 -4.40
C ARG A 222 -34.12 6.11 -5.40
N GLY A 223 -33.50 5.91 -6.56
CA GLY A 223 -33.46 6.95 -7.62
C GLY A 223 -32.29 7.94 -7.48
N LEU A 224 -31.58 7.88 -6.35
CA LEU A 224 -30.54 8.88 -6.00
C LEU A 224 -29.18 8.20 -5.75
N GLY A 225 -29.09 7.47 -4.65
CA GLY A 225 -27.86 6.73 -4.34
C GLY A 225 -27.92 6.07 -2.97
N TYR A 226 -26.90 6.33 -2.16
CA TYR A 226 -26.82 5.82 -0.78
C TYR A 226 -26.48 6.94 0.20
N LYS A 227 -26.85 6.72 1.47
CA LYS A 227 -26.65 7.67 2.55
C LYS A 227 -26.25 6.93 3.83
N LEU A 228 -25.34 7.50 4.62
CA LEU A 228 -25.13 7.06 6.01
C LEU A 228 -25.89 8.05 6.88
N GLU A 229 -26.82 7.57 7.69
CA GLU A 229 -27.58 8.47 8.56
C GLU A 229 -26.78 8.94 9.79
C ACT B . 0.66 9.67 -4.82
O ACT B . -0.25 9.38 -5.61
OXT ACT B . 0.91 8.80 -3.95
CH3 ACT B . 1.41 10.97 -4.89
C ACT C . -18.00 15.69 -2.61
O ACT C . -19.18 15.27 -2.47
OXT ACT C . -17.31 15.13 -3.49
CH3 ACT C . -17.45 16.80 -1.76
LA LA D . 3.75 3.22 -5.50
LA LA E . -17.82 10.42 -13.87
LA LA F . 20.39 -13.88 12.52
LA LA G . 19.17 -10.85 15.24
LA LA H . 15.19 -1.97 3.43
C1 BME I . 0.03 5.05 -18.24
C2 BME I . 0.28 4.01 -17.16
O1 BME I . 1.14 5.92 -18.28
S2 BME I . -1.25 3.50 -16.35
#